data_6S0G
#
_entry.id   6S0G
#
_cell.length_a   56.745
_cell.length_b   76.662
_cell.length_c   88.596
_cell.angle_alpha   90.00
_cell.angle_beta   90.00
_cell.angle_gamma   90.00
#
_symmetry.space_group_name_H-M   'P 2 21 21'
#
loop_
_entity.id
_entity.type
_entity.pdbx_description
1 polymer 'NADPH2 dehydrogenase-like protein'
2 non-polymer 1,2-ETHANEDIOL
3 non-polymer 'FLAVIN MONONUCLEOTIDE'
4 non-polymer 'CHLORIDE ION'
5 water water
#
_entity_poly.entity_id   1
_entity_poly.type   'polypeptide(L)'
_entity_poly.pdbx_seq_one_letter_code
;MGSSHHHHHHSSGLVPRGSHMLKLLEPFDLNGLELANRMVMAPLTRNRAGPRFVPTKMNALYYAQRSGLGLIITEATQIS
QQGMGYPDTPGIYTDEQVDGWRMVTEAVHRREGCIFLQLWHVGRVSHSSFQPNGQLPVAPSAIAPEGEVMTYDGIKPFET
PRALETEEVAHIVEDYRKAAINAKRAGFDGIEIHSANGYLLHEFLEDGTNKRTDRYGGSIENRARIVFEVLDAVCKVYPS
RRVGIRLSPDTEFMSMSDSDRPALYSYLVQELSRRELAYLHLIEPRIKGNVDVEKESSLNVEFFRPLYKGVLITAGGYQK
ETGEERLQKQHADLVAYGRWVIANPDLPSRFEQNAPLNPYDRATFYGGNEKGYTDYPFLDPRDSQEALKEAEAAERKWRR
L
;
_entity_poly.pdbx_strand_id   B
#
# COMPACT_ATOMS: atom_id res chain seq x y z
N MET A 21 5.71 -24.36 14.40
CA MET A 21 5.54 -25.09 13.14
C MET A 21 4.31 -24.61 12.37
N LEU A 22 3.92 -23.37 12.65
CA LEU A 22 2.94 -22.68 11.82
C LEU A 22 3.53 -22.40 10.45
N LYS A 23 2.74 -22.64 9.40
CA LYS A 23 3.18 -22.27 8.07
C LYS A 23 3.37 -20.77 7.93
N LEU A 24 2.61 -19.98 8.71
CA LEU A 24 2.82 -18.54 8.78
C LEU A 24 4.27 -18.17 9.07
N LEU A 25 4.99 -19.03 9.78
CA LEU A 25 6.33 -18.75 10.24
C LEU A 25 7.41 -19.40 9.36
N GLU A 26 7.00 -20.06 8.30
CA GLU A 26 7.95 -20.71 7.39
C GLU A 26 8.65 -19.66 6.55
N PRO A 27 9.98 -19.67 6.46
CA PRO A 27 10.66 -18.75 5.54
C PRO A 27 10.19 -18.97 4.11
N PHE A 28 10.18 -17.88 3.34
CA PHE A 28 9.61 -17.91 2.01
C PHE A 28 10.55 -17.23 1.02
N ASP A 29 10.74 -17.86 -0.14
CA ASP A 29 11.60 -17.32 -1.18
C ASP A 29 10.76 -16.57 -2.20
N LEU A 30 10.88 -15.24 -2.20
CA LEU A 30 10.14 -14.38 -3.12
C LEU A 30 11.06 -14.00 -4.27
N ASN A 31 11.23 -14.96 -5.19
CA ASN A 31 12.08 -14.77 -6.39
C ASN A 31 13.47 -14.26 -5.98
N GLY A 32 14.10 -14.84 -4.99
CA GLY A 32 15.43 -14.37 -4.59
C GLY A 32 15.42 -13.54 -3.33
N LEU A 33 14.28 -12.96 -2.97
CA LEU A 33 14.23 -12.23 -1.68
C LEU A 33 13.96 -13.30 -0.64
N GLU A 34 14.96 -13.65 0.16
CA GLU A 34 14.76 -14.64 1.24
C GLU A 34 13.94 -13.97 2.34
N LEU A 35 12.62 -14.18 2.45
CA LEU A 35 11.90 -13.55 3.59
C LEU A 35 12.07 -14.43 4.83
N ALA A 36 11.77 -13.90 6.02
CA ALA A 36 11.92 -14.67 7.25
C ALA A 36 10.69 -15.52 7.56
N ASN A 37 9.53 -15.15 7.04
CA ASN A 37 8.30 -15.89 7.28
C ASN A 37 7.33 -15.53 6.17
N ARG A 38 6.10 -16.06 6.26
CA ARG A 38 5.07 -15.84 5.25
C ARG A 38 4.09 -14.75 5.66
N MET A 39 4.45 -13.92 6.64
CA MET A 39 3.62 -12.83 7.11
C MET A 39 4.09 -11.50 6.54
N VAL A 40 3.14 -10.63 6.22
CA VAL A 40 3.40 -9.35 5.56
C VAL A 40 2.79 -8.24 6.40
N MET A 41 3.55 -7.16 6.60
CA MET A 41 2.96 -5.94 7.14
C MET A 41 2.21 -5.24 6.01
N ALA A 42 0.89 -5.19 6.14
CA ALA A 42 0.05 -4.56 5.12
C ALA A 42 0.37 -3.07 5.04
N PRO A 43 0.13 -2.44 3.90
CA PRO A 43 0.35 -0.99 3.78
C PRO A 43 -0.63 -0.23 4.66
N LEU A 44 -0.12 0.75 5.42
CA LEU A 44 -0.94 1.43 6.43
C LEU A 44 -0.61 2.91 6.49
N THR A 45 -1.50 3.76 5.98
CA THR A 45 -1.39 5.20 6.13
C THR A 45 -1.43 5.58 7.62
N ARG A 46 -0.41 6.33 8.07
CA ARG A 46 -0.34 6.79 9.45
C ARG A 46 -0.27 8.30 9.61
N ASN A 47 -0.07 9.05 8.53
CA ASN A 47 -0.10 10.52 8.55
C ASN A 47 0.93 11.10 9.52
N ARG A 48 2.16 10.56 9.48
CA ARG A 48 3.21 11.00 10.44
C ARG A 48 4.47 11.50 9.71
N ALA A 49 4.34 11.98 8.47
CA ALA A 49 5.51 12.51 7.77
C ALA A 49 5.94 13.84 8.38
N GLY A 50 7.23 14.15 8.21
CA GLY A 50 7.74 15.44 8.60
C GLY A 50 7.48 16.50 7.54
N PRO A 51 8.01 17.70 7.77
CA PRO A 51 7.75 18.81 6.86
C PRO A 51 8.10 18.46 5.42
N ARG A 52 7.27 18.93 4.48
CA ARG A 52 7.46 18.69 3.06
C ARG A 52 7.33 17.20 2.70
N PHE A 53 6.57 16.48 3.54
CA PHE A 53 6.20 15.08 3.29
C PHE A 53 7.41 14.15 3.35
N VAL A 54 8.33 14.44 4.25
CA VAL A 54 9.62 13.75 4.32
C VAL A 54 9.61 12.77 5.48
N PRO A 55 9.93 11.50 5.26
CA PRO A 55 10.04 10.55 6.39
C PRO A 55 11.11 10.97 7.37
N THR A 56 10.88 10.62 8.64
CA THR A 56 11.67 11.04 9.79
C THR A 56 12.26 9.83 10.52
N LYS A 57 13.12 10.14 11.51
N LYS A 57 13.13 10.14 11.49
CA LYS A 57 13.69 9.10 12.34
CA LYS A 57 13.68 9.08 12.33
C LYS A 57 12.61 8.32 13.09
C LYS A 57 12.60 8.31 13.07
N MET A 58 11.51 8.98 13.46
CA MET A 58 10.41 8.27 14.11
C MET A 58 9.78 7.26 13.18
N ASN A 59 9.62 7.62 11.90
CA ASN A 59 9.14 6.67 10.91
C ASN A 59 10.11 5.52 10.74
N ALA A 60 11.42 5.81 10.74
CA ALA A 60 12.42 4.74 10.65
C ALA A 60 12.31 3.78 11.83
N LEU A 61 12.08 4.32 13.03
CA LEU A 61 11.91 3.46 14.20
C LEU A 61 10.69 2.56 14.03
N TYR A 62 9.57 3.12 13.57
CA TYR A 62 8.33 2.36 13.40
C TYR A 62 8.54 1.17 12.47
N TYR A 63 9.18 1.39 11.33
CA TYR A 63 9.40 0.29 10.40
C TYR A 63 10.47 -0.67 10.89
N ALA A 64 11.57 -0.15 11.48
CA ALA A 64 12.57 -1.02 12.09
C ALA A 64 11.96 -1.94 13.14
N GLN A 65 11.05 -1.41 13.96
CA GLN A 65 10.37 -2.23 14.97
C GLN A 65 9.65 -3.40 14.34
N ARG A 66 9.13 -3.24 13.12
CA ARG A 66 8.29 -4.21 12.45
C ARG A 66 9.04 -5.03 11.43
N SER A 67 10.38 -5.00 11.48
CA SER A 67 11.23 -5.68 10.52
C SER A 67 11.19 -7.20 10.64
N GLY A 68 10.61 -7.74 11.71
CA GLY A 68 10.44 -9.17 11.82
C GLY A 68 9.30 -9.74 11.01
N LEU A 69 8.45 -8.90 10.43
CA LEU A 69 7.52 -9.39 9.42
C LEU A 69 8.33 -9.76 8.19
N GLY A 70 7.93 -10.84 7.52
CA GLY A 70 8.71 -11.32 6.38
C GLY A 70 8.88 -10.25 5.33
N LEU A 71 7.82 -9.51 5.04
CA LEU A 71 7.86 -8.41 4.08
C LEU A 71 7.09 -7.24 4.67
N ILE A 72 7.66 -6.04 4.58
CA ILE A 72 6.94 -4.80 4.89
C ILE A 72 6.51 -4.15 3.59
N ILE A 73 5.24 -3.78 3.49
CA ILE A 73 4.77 -2.86 2.46
C ILE A 73 4.49 -1.55 3.17
N THR A 74 5.07 -0.45 2.69
CA THR A 74 4.91 0.82 3.38
C THR A 74 3.47 1.33 3.26
N GLU A 75 3.16 2.31 4.12
CA GLU A 75 2.06 3.22 3.88
C GLU A 75 2.04 3.72 2.44
N ALA A 76 0.86 4.01 1.94
CA ALA A 76 0.72 4.58 0.60
C ALA A 76 1.51 5.88 0.52
N THR A 77 2.29 6.03 -0.55
CA THR A 77 3.22 7.15 -0.67
C THR A 77 2.97 7.84 -1.99
N GLN A 78 2.57 9.12 -1.93
CA GLN A 78 2.15 9.79 -3.16
C GLN A 78 3.32 10.01 -4.12
N ILE A 79 3.02 9.80 -5.40
CA ILE A 79 4.01 9.99 -6.47
C ILE A 79 4.13 11.43 -6.90
N SER A 80 3.29 12.32 -6.37
CA SER A 80 3.21 13.73 -6.77
C SER A 80 2.32 14.41 -5.74
N GLN A 81 2.38 15.74 -5.69
CA GLN A 81 1.44 16.45 -4.82
C GLN A 81 0.01 16.29 -5.32
N GLN A 82 -0.18 16.24 -6.65
CA GLN A 82 -1.49 15.99 -7.22
C GLN A 82 -2.05 14.67 -6.72
N GLY A 83 -1.18 13.70 -6.45
CA GLY A 83 -1.60 12.40 -5.97
C GLY A 83 -1.84 12.28 -4.48
N MET A 84 -1.77 13.37 -3.73
CA MET A 84 -2.00 13.34 -2.28
C MET A 84 -3.43 13.76 -1.95
N GLY A 85 -3.93 13.25 -0.83
CA GLY A 85 -5.29 13.55 -0.40
C GLY A 85 -5.54 13.55 1.09
N TYR A 86 -4.51 13.37 1.91
CA TYR A 86 -4.63 13.33 3.36
C TYR A 86 -3.42 14.04 3.96
N PRO A 87 -3.56 14.64 5.14
CA PRO A 87 -2.43 15.38 5.72
C PRO A 87 -1.25 14.49 6.04
N ASP A 88 -0.05 15.01 5.80
CA ASP A 88 1.18 14.44 6.36
C ASP A 88 1.43 13.00 5.92
N THR A 89 1.02 12.66 4.71
CA THR A 89 1.45 11.39 4.14
C THR A 89 2.78 11.62 3.40
N PRO A 90 3.69 10.65 3.44
CA PRO A 90 5.01 10.86 2.80
C PRO A 90 4.91 10.79 1.28
N GLY A 91 5.84 11.50 0.63
CA GLY A 91 5.98 11.45 -0.81
C GLY A 91 7.26 10.75 -1.25
N ILE A 92 7.36 10.55 -2.56
CA ILE A 92 8.54 9.94 -3.18
C ILE A 92 8.91 10.73 -4.43
N TYR A 93 8.62 12.03 -4.44
CA TYR A 93 8.86 12.85 -5.64
C TYR A 93 9.95 13.90 -5.46
N THR A 94 10.53 14.07 -4.28
CA THR A 94 11.65 15.01 -4.11
C THR A 94 12.89 14.30 -3.57
N ASP A 95 14.04 14.92 -3.78
N ASP A 95 14.05 14.91 -3.78
CA ASP A 95 15.30 14.38 -3.28
CA ASP A 95 15.30 14.37 -3.25
C ASP A 95 15.31 14.33 -1.76
C ASP A 95 15.26 14.29 -1.73
N GLU A 96 14.70 15.32 -1.09
CA GLU A 96 14.63 15.31 0.36
C GLU A 96 13.78 14.14 0.87
N GLN A 97 12.69 13.83 0.16
CA GLN A 97 11.89 12.67 0.52
C GLN A 97 12.67 11.37 0.32
N VAL A 98 13.40 11.24 -0.79
CA VAL A 98 14.27 10.09 -0.99
C VAL A 98 15.24 9.93 0.17
N ASP A 99 15.80 11.01 0.61
CA ASP A 99 16.79 10.95 1.68
C ASP A 99 16.19 10.47 2.99
N GLY A 100 14.95 10.91 3.27
CA GLY A 100 14.27 10.45 4.46
C GLY A 100 13.94 8.97 4.38
N TRP A 101 13.48 8.52 3.21
CA TRP A 101 13.16 7.12 3.02
C TRP A 101 14.41 6.25 3.11
N ARG A 102 15.57 6.75 2.65
CA ARG A 102 16.80 5.98 2.80
C ARG A 102 17.11 5.70 4.27
N MET A 103 16.79 6.64 5.15
CA MET A 103 16.93 6.38 6.58
C MET A 103 16.07 5.19 7.00
N VAL A 104 14.84 5.14 6.48
CA VAL A 104 13.92 4.04 6.79
C VAL A 104 14.45 2.72 6.25
N THR A 105 14.80 2.67 4.96
CA THR A 105 15.23 1.38 4.40
C THR A 105 16.54 0.92 5.02
N GLU A 106 17.44 1.85 5.36
CA GLU A 106 18.66 1.48 6.07
C GLU A 106 18.35 0.78 7.38
N ALA A 107 17.45 1.36 8.18
CA ALA A 107 17.15 0.76 9.48
C ALA A 107 16.49 -0.60 9.32
N VAL A 108 15.57 -0.73 8.36
CA VAL A 108 14.93 -2.02 8.10
C VAL A 108 15.97 -3.05 7.67
N HIS A 109 16.86 -2.68 6.77
CA HIS A 109 17.83 -3.65 6.27
C HIS A 109 18.87 -4.02 7.32
N ARG A 110 19.21 -3.10 8.21
CA ARG A 110 20.11 -3.46 9.32
C ARG A 110 19.44 -4.44 10.27
N ARG A 111 18.11 -4.46 10.31
CA ARG A 111 17.34 -5.46 11.05
C ARG A 111 16.98 -6.66 10.18
N GLU A 112 17.63 -6.80 9.03
CA GLU A 112 17.48 -7.95 8.14
C GLU A 112 16.07 -8.08 7.60
N GLY A 113 15.36 -6.96 7.45
CA GLY A 113 14.04 -6.95 6.87
C GLY A 113 14.05 -6.72 5.38
N CYS A 114 12.85 -6.73 4.81
CA CYS A 114 12.61 -6.57 3.39
C CYS A 114 11.46 -5.59 3.24
N ILE A 115 11.56 -4.63 2.34
CA ILE A 115 10.59 -3.52 2.31
C ILE A 115 10.27 -3.08 0.89
N PHE A 116 8.99 -2.99 0.57
CA PHE A 116 8.49 -2.47 -0.71
C PHE A 116 7.74 -1.17 -0.46
N LEU A 117 7.95 -0.18 -1.32
CA LEU A 117 7.25 1.10 -1.21
C LEU A 117 5.95 1.06 -2.00
N GLN A 118 4.83 1.40 -1.37
CA GLN A 118 3.56 1.45 -2.06
C GLN A 118 3.35 2.79 -2.74
N LEU A 119 3.25 2.78 -4.07
CA LEU A 119 3.15 4.01 -4.87
C LEU A 119 1.69 4.40 -5.04
N TRP A 120 1.37 5.66 -4.72
CA TRP A 120 -0.01 6.11 -4.57
C TRP A 120 -0.32 7.30 -5.47
N HIS A 121 -1.53 7.29 -6.02
CA HIS A 121 -2.17 8.53 -6.51
C HIS A 121 -3.62 8.46 -6.08
N VAL A 122 -4.06 9.42 -5.27
CA VAL A 122 -5.40 9.35 -4.67
C VAL A 122 -6.52 9.63 -5.66
N GLY A 123 -6.22 10.17 -6.83
CA GLY A 123 -7.28 10.51 -7.76
C GLY A 123 -8.27 11.47 -7.15
N ARG A 124 -9.55 11.15 -7.29
CA ARG A 124 -10.61 12.06 -6.83
C ARG A 124 -10.70 12.13 -5.31
N VAL A 125 -10.07 11.22 -4.59
CA VAL A 125 -10.17 11.20 -3.13
C VAL A 125 -9.15 12.17 -2.56
N SER A 126 -9.44 13.46 -2.71
CA SER A 126 -8.55 14.53 -2.30
C SER A 126 -9.38 15.80 -2.15
N HIS A 127 -8.70 16.94 -2.02
CA HIS A 127 -9.35 18.24 -2.00
C HIS A 127 -8.39 19.24 -2.60
N SER A 128 -8.95 20.28 -3.23
CA SER A 128 -8.13 21.30 -3.89
C SER A 128 -7.16 21.97 -2.94
N SER A 129 -7.46 21.99 -1.63
CA SER A 129 -6.58 22.54 -0.60
C SER A 129 -5.24 21.80 -0.52
N PHE A 130 -5.21 20.54 -0.95
CA PHE A 130 -3.98 19.76 -1.00
C PHE A 130 -3.23 19.92 -2.32
N GLN A 131 -3.88 20.45 -3.35
CA GLN A 131 -3.42 20.36 -4.73
C GLN A 131 -2.55 21.55 -5.10
N PRO A 132 -1.63 21.35 -6.03
CA PRO A 132 -0.85 22.48 -6.57
C PRO A 132 -1.79 23.55 -7.13
N ASN A 133 -1.56 24.79 -6.73
CA ASN A 133 -2.27 25.96 -7.25
C ASN A 133 -3.76 25.90 -6.97
N GLY A 134 -4.18 25.15 -5.95
CA GLY A 134 -5.59 25.03 -5.66
C GLY A 134 -6.39 24.37 -6.74
N GLN A 135 -5.75 23.60 -7.62
CA GLN A 135 -6.44 22.88 -8.68
C GLN A 135 -7.36 21.82 -8.10
N LEU A 136 -8.35 21.41 -8.90
CA LEU A 136 -9.21 20.33 -8.48
C LEU A 136 -8.44 19.01 -8.52
N PRO A 137 -8.82 18.05 -7.65
CA PRO A 137 -8.34 16.68 -7.83
C PRO A 137 -8.69 16.18 -9.22
N VAL A 138 -7.91 15.22 -9.71
CA VAL A 138 -8.11 14.64 -11.04
C VAL A 138 -8.62 13.21 -10.92
N ALA A 139 -9.26 12.74 -12.00
CA ALA A 139 -9.97 11.47 -11.99
C ALA A 139 -10.23 11.05 -13.43
N PRO A 140 -10.65 9.81 -13.67
CA PRO A 140 -11.05 9.45 -15.04
C PRO A 140 -12.26 10.21 -15.51
N SER A 141 -13.19 10.52 -14.61
CA SER A 141 -14.43 11.19 -14.97
C SER A 141 -14.82 12.15 -13.86
N ALA A 142 -15.59 13.19 -14.22
CA ALA A 142 -15.95 14.25 -13.29
C ALA A 142 -17.14 13.80 -12.43
N ILE A 143 -16.84 12.98 -11.44
CA ILE A 143 -17.85 12.41 -10.53
C ILE A 143 -17.28 12.51 -9.11
N ALA A 144 -17.91 13.31 -8.27
CA ALA A 144 -17.43 13.42 -6.90
C ALA A 144 -17.75 12.15 -6.12
N PRO A 145 -16.85 11.69 -5.25
CA PRO A 145 -17.21 10.65 -4.30
C PRO A 145 -18.14 11.25 -3.26
N GLU A 146 -18.92 10.36 -2.63
CA GLU A 146 -19.84 10.88 -1.63
C GLU A 146 -19.10 11.19 -0.33
N GLY A 147 -19.67 12.14 0.41
CA GLY A 147 -19.19 12.39 1.74
C GLY A 147 -18.25 13.57 1.84
N GLU A 148 -17.35 13.52 2.81
CA GLU A 148 -16.53 14.64 3.23
C GLU A 148 -15.07 14.22 3.31
N VAL A 149 -14.19 15.22 3.30
CA VAL A 149 -12.74 15.00 3.30
C VAL A 149 -12.08 15.92 4.31
N MET A 150 -11.12 15.39 5.07
CA MET A 150 -10.38 16.20 6.01
C MET A 150 -9.33 17.02 5.28
N THR A 151 -9.29 18.32 5.57
CA THR A 151 -8.32 19.24 4.98
C THR A 151 -7.53 19.91 6.11
N TYR A 152 -6.60 20.79 5.72
CA TYR A 152 -5.90 21.60 6.72
C TYR A 152 -6.85 22.54 7.44
N ASP A 153 -7.95 22.91 6.80
CA ASP A 153 -8.92 23.85 7.34
C ASP A 153 -10.20 23.12 7.77
N GLY A 154 -10.05 21.90 8.28
CA GLY A 154 -11.18 21.14 8.77
C GLY A 154 -11.86 20.30 7.70
N ILE A 155 -12.95 19.66 8.12
CA ILE A 155 -13.71 18.81 7.22
C ILE A 155 -14.45 19.66 6.20
N LYS A 156 -14.43 19.22 4.95
CA LYS A 156 -15.10 19.90 3.85
C LYS A 156 -15.79 18.85 3.00
N PRO A 157 -16.83 19.23 2.25
CA PRO A 157 -17.41 18.28 1.31
C PRO A 157 -16.46 18.02 0.15
N PHE A 158 -16.56 16.83 -0.42
CA PHE A 158 -15.78 16.51 -1.60
C PHE A 158 -16.21 17.41 -2.76
N GLU A 159 -15.26 17.75 -3.62
CA GLU A 159 -15.51 18.49 -4.84
C GLU A 159 -15.66 17.52 -6.01
N THR A 160 -16.28 18.00 -7.08
CA THR A 160 -16.29 17.25 -8.32
C THR A 160 -14.90 17.35 -8.94
N PRO A 161 -14.24 16.24 -9.21
CA PRO A 161 -12.89 16.30 -9.77
C PRO A 161 -12.90 16.70 -11.24
N ARG A 162 -11.72 17.03 -11.73
CA ARG A 162 -11.52 17.29 -13.15
C ARG A 162 -11.21 15.98 -13.88
N ALA A 163 -11.92 15.72 -14.97
CA ALA A 163 -11.62 14.55 -15.78
C ALA A 163 -10.32 14.77 -16.54
N LEU A 164 -9.41 13.79 -16.45
CA LEU A 164 -8.13 13.91 -17.12
C LEU A 164 -8.30 13.92 -18.64
N GLU A 165 -7.52 14.76 -19.31
CA GLU A 165 -7.45 14.68 -20.76
C GLU A 165 -6.69 13.42 -21.16
N THR A 166 -7.02 12.88 -22.33
CA THR A 166 -6.37 11.66 -22.80
C THR A 166 -4.86 11.78 -22.71
N GLU A 167 -4.32 12.91 -23.18
CA GLU A 167 -2.88 13.14 -23.21
C GLU A 167 -2.25 13.17 -21.82
N GLU A 168 -3.03 13.52 -20.79
CA GLU A 168 -2.48 13.67 -19.45
C GLU A 168 -2.19 12.33 -18.79
N VAL A 169 -2.85 11.25 -19.22
CA VAL A 169 -2.62 9.96 -18.58
C VAL A 169 -1.15 9.59 -18.68
N ALA A 170 -0.55 9.79 -19.86
CA ALA A 170 0.87 9.50 -20.04
C ALA A 170 1.74 10.26 -19.05
N HIS A 171 1.35 11.48 -18.68
CA HIS A 171 2.13 12.25 -17.72
C HIS A 171 2.03 11.66 -16.32
N ILE A 172 0.84 11.17 -15.95
CA ILE A 172 0.71 10.49 -14.67
C ILE A 172 1.50 9.18 -14.67
N VAL A 173 1.48 8.46 -15.80
CA VAL A 173 2.30 7.26 -15.93
C VAL A 173 3.78 7.60 -15.75
N GLU A 174 4.21 8.72 -16.33
CA GLU A 174 5.59 9.15 -16.15
C GLU A 174 5.90 9.48 -14.69
N ASP A 175 4.91 10.03 -13.96
CA ASP A 175 5.09 10.28 -12.53
C ASP A 175 5.33 8.96 -11.78
N TYR A 176 4.63 7.89 -12.17
CA TYR A 176 4.90 6.59 -11.57
C TYR A 176 6.32 6.12 -11.88
N ARG A 177 6.75 6.35 -13.13
CA ARG A 177 8.11 5.96 -13.58
C ARG A 177 9.16 6.68 -12.71
N LYS A 178 8.99 7.99 -12.52
CA LYS A 178 9.89 8.79 -11.72
C LYS A 178 9.85 8.36 -10.25
N ALA A 179 8.66 8.03 -9.76
CA ALA A 179 8.54 7.55 -8.38
C ALA A 179 9.30 6.25 -8.19
N ALA A 180 9.25 5.36 -9.18
CA ALA A 180 10.01 4.11 -9.10
C ALA A 180 11.51 4.37 -9.09
N ILE A 181 11.98 5.29 -9.94
CA ILE A 181 13.39 5.70 -9.90
C ILE A 181 13.78 6.15 -8.50
N ASN A 182 12.93 6.99 -7.89
CA ASN A 182 13.25 7.49 -6.55
C ASN A 182 13.16 6.40 -5.50
N ALA A 183 12.21 5.48 -5.64
CA ALA A 183 12.15 4.32 -4.73
C ALA A 183 13.44 3.52 -4.79
N LYS A 184 13.93 3.28 -6.02
CA LYS A 184 15.18 2.51 -6.24
C LYS A 184 16.36 3.27 -5.61
N ARG A 185 16.28 4.60 -5.65
N ARG A 185 16.28 4.60 -5.65
CA ARG A 185 17.34 5.47 -5.08
CA ARG A 185 17.34 5.47 -5.08
C ARG A 185 17.25 5.46 -3.55
C ARG A 185 17.25 5.46 -3.55
N ALA A 186 16.02 5.58 -3.04
CA ALA A 186 15.78 5.58 -1.57
C ALA A 186 16.43 4.32 -0.96
N GLY A 187 16.22 3.17 -1.59
CA GLY A 187 16.78 1.90 -1.10
C GLY A 187 15.71 0.86 -0.84
N PHE A 188 14.67 0.81 -1.69
CA PHE A 188 13.60 -0.15 -1.52
C PHE A 188 13.87 -1.43 -2.30
N ASP A 189 13.53 -2.56 -1.68
CA ASP A 189 13.69 -3.84 -2.35
C ASP A 189 12.75 -3.99 -3.54
N GLY A 190 11.63 -3.30 -3.51
CA GLY A 190 10.63 -3.37 -4.56
C GLY A 190 9.59 -2.29 -4.36
N ILE A 191 8.59 -2.29 -5.23
CA ILE A 191 7.49 -1.34 -5.17
C ILE A 191 6.17 -2.09 -5.33
N GLU A 192 5.11 -1.55 -4.74
CA GLU A 192 3.75 -2.05 -4.95
C GLU A 192 2.89 -0.96 -5.56
N ILE A 193 2.22 -1.26 -6.66
CA ILE A 193 1.28 -0.33 -7.27
C ILE A 193 -0.05 -0.42 -6.52
N HIS A 194 -0.46 0.69 -5.91
CA HIS A 194 -1.76 0.74 -5.25
C HIS A 194 -2.83 0.89 -6.33
N SER A 195 -3.58 -0.17 -6.59
CA SER A 195 -4.67 -0.06 -7.53
C SER A 195 -5.99 -0.48 -6.89
N ALA A 196 -6.14 -0.13 -5.62
CA ALA A 196 -7.27 -0.55 -4.79
C ALA A 196 -7.91 0.66 -4.12
N ASN A 197 -9.00 0.37 -3.40
CA ASN A 197 -9.57 1.24 -2.37
C ASN A 197 -9.98 2.62 -2.87
N GLY A 198 -10.43 2.68 -4.11
CA GLY A 198 -11.10 3.89 -4.58
C GLY A 198 -10.20 5.00 -5.09
N TYR A 199 -8.91 4.74 -5.22
CA TYR A 199 -7.96 5.77 -5.63
C TYR A 199 -7.86 5.80 -7.16
N LEU A 200 -6.87 6.50 -7.71
CA LEU A 200 -6.91 6.85 -9.13
C LEU A 200 -7.03 5.62 -10.03
N LEU A 201 -6.15 4.64 -9.83
CA LEU A 201 -6.16 3.48 -10.73
C LEU A 201 -7.44 2.68 -10.59
N HIS A 202 -7.93 2.49 -9.36
CA HIS A 202 -9.18 1.78 -9.15
C HIS A 202 -10.34 2.50 -9.82
N GLU A 203 -10.31 3.84 -9.79
CA GLU A 203 -11.35 4.64 -10.44
C GLU A 203 -11.36 4.40 -11.94
N PHE A 204 -10.20 4.26 -12.56
CA PHE A 204 -10.17 3.89 -13.97
C PHE A 204 -10.73 2.50 -14.21
N LEU A 205 -10.45 1.56 -13.31
CA LEU A 205 -10.82 0.17 -13.53
C LEU A 205 -12.34 -0.02 -13.62
N GLU A 206 -13.09 0.68 -12.77
CA GLU A 206 -14.50 0.36 -12.57
C GLU A 206 -15.42 1.29 -13.34
N ASP A 207 -16.47 0.71 -13.92
CA ASP A 207 -17.33 1.49 -14.80
C ASP A 207 -18.29 2.41 -14.06
N GLY A 208 -18.39 2.30 -12.73
CA GLY A 208 -19.16 3.27 -11.98
C GLY A 208 -18.48 4.61 -11.86
N THR A 209 -17.15 4.61 -11.94
CA THR A 209 -16.35 5.82 -11.81
C THR A 209 -15.71 6.26 -13.12
N ASN A 210 -15.59 5.36 -14.09
CA ASN A 210 -14.95 5.62 -15.37
C ASN A 210 -16.05 5.63 -16.43
N LYS A 211 -16.48 6.83 -16.82
CA LYS A 211 -17.43 7.02 -17.91
C LYS A 211 -16.75 7.49 -19.19
N ARG A 212 -15.44 7.27 -19.32
CA ARG A 212 -14.70 7.81 -20.45
C ARG A 212 -15.06 7.10 -21.75
N THR A 213 -14.92 7.84 -22.85
CA THR A 213 -15.15 7.31 -24.18
C THR A 213 -13.88 7.26 -25.02
N ASP A 214 -12.73 7.53 -24.42
CA ASP A 214 -11.46 7.42 -25.12
C ASP A 214 -10.89 6.01 -24.92
N ARG A 215 -9.61 5.83 -25.24
CA ARG A 215 -9.01 4.50 -25.15
C ARG A 215 -8.80 4.03 -23.72
N TYR A 216 -9.14 4.86 -22.73
CA TYR A 216 -9.08 4.47 -21.33
C TYR A 216 -10.47 4.17 -20.74
N GLY A 217 -11.51 4.18 -21.56
CA GLY A 217 -12.87 3.92 -21.07
C GLY A 217 -13.63 2.95 -21.95
N GLY A 218 -14.77 2.48 -21.47
CA GLY A 218 -15.64 1.57 -22.23
C GLY A 218 -15.26 0.16 -21.85
N SER A 219 -14.64 -0.56 -22.76
CA SER A 219 -14.35 -1.99 -22.58
C SER A 219 -13.53 -2.27 -21.32
N ILE A 220 -13.65 -3.49 -20.82
CA ILE A 220 -12.82 -3.91 -19.67
C ILE A 220 -11.35 -3.71 -20.06
N GLU A 221 -10.96 -4.10 -21.28
CA GLU A 221 -9.60 -3.90 -21.74
C GLU A 221 -9.17 -2.44 -21.63
N ASN A 222 -10.04 -1.52 -22.07
CA ASN A 222 -9.68 -0.11 -22.06
C ASN A 222 -9.59 0.44 -20.63
N ARG A 223 -10.50 -0.02 -19.77
CA ARG A 223 -10.54 0.42 -18.34
C ARG A 223 -9.23 0.03 -17.65
N ALA A 224 -8.71 -1.17 -17.97
CA ALA A 224 -7.48 -1.60 -17.32
C ALA A 224 -6.22 -1.07 -18.01
N ARG A 225 -6.34 -0.37 -19.14
CA ARG A 225 -5.18 0.07 -19.90
C ARG A 225 -4.19 0.86 -19.04
N ILE A 226 -4.69 1.77 -18.21
CA ILE A 226 -3.79 2.61 -17.42
C ILE A 226 -2.95 1.77 -16.47
N VAL A 227 -3.53 0.71 -15.92
CA VAL A 227 -2.77 -0.16 -15.02
C VAL A 227 -1.60 -0.80 -15.76
N PHE A 228 -1.85 -1.28 -16.97
CA PHE A 228 -0.77 -1.91 -17.72
C PHE A 228 0.26 -0.89 -18.20
N GLU A 229 -0.17 0.33 -18.51
CA GLU A 229 0.81 1.37 -18.84
C GLU A 229 1.66 1.73 -17.63
N VAL A 230 1.08 1.76 -16.43
CA VAL A 230 1.87 2.00 -15.23
C VAL A 230 2.88 0.88 -15.02
N LEU A 231 2.44 -0.37 -15.17
CA LEU A 231 3.36 -1.49 -15.01
C LEU A 231 4.48 -1.45 -16.05
N ASP A 232 4.14 -1.16 -17.32
CA ASP A 232 5.16 -0.99 -18.35
C ASP A 232 6.22 0.01 -17.91
N ALA A 233 5.79 1.16 -17.38
CA ALA A 233 6.72 2.23 -17.05
C ALA A 233 7.60 1.85 -15.85
N VAL A 234 7.00 1.33 -14.78
CA VAL A 234 7.82 1.04 -13.61
C VAL A 234 8.72 -0.16 -13.86
N CYS A 235 8.36 -1.04 -14.80
CA CYS A 235 9.19 -2.19 -15.12
C CYS A 235 10.38 -1.83 -16.00
N LYS A 236 10.52 -0.56 -16.38
CA LYS A 236 11.74 -0.06 -16.97
C LYS A 236 12.73 0.38 -15.89
N VAL A 237 12.31 0.37 -14.63
CA VAL A 237 13.14 0.78 -13.51
C VAL A 237 13.50 -0.41 -12.64
N TYR A 238 12.49 -1.12 -12.13
CA TYR A 238 12.66 -2.35 -11.40
C TYR A 238 12.37 -3.52 -12.33
N PRO A 239 13.03 -4.66 -12.14
CA PRO A 239 12.60 -5.87 -12.85
C PRO A 239 11.20 -6.24 -12.38
N SER A 240 10.46 -6.90 -13.27
CA SER A 240 9.07 -7.22 -12.98
C SER A 240 8.93 -8.02 -11.69
N ARG A 241 9.91 -8.89 -11.37
CA ARG A 241 9.82 -9.68 -10.13
C ARG A 241 10.07 -8.86 -8.85
N ARG A 242 10.14 -7.61 -8.92
CA ARG A 242 10.18 -6.69 -7.79
C ARG A 242 9.10 -5.61 -7.90
N VAL A 243 8.11 -5.83 -8.67
CA VAL A 243 6.94 -4.96 -8.75
C VAL A 243 5.71 -5.78 -8.39
N GLY A 244 5.00 -5.38 -7.33
CA GLY A 244 3.73 -5.95 -6.98
C GLY A 244 2.59 -5.00 -7.28
N ILE A 245 1.37 -5.51 -7.15
CA ILE A 245 0.18 -4.70 -7.38
C ILE A 245 -0.90 -5.16 -6.40
N ARG A 246 -1.66 -4.20 -5.89
CA ARG A 246 -2.72 -4.45 -4.92
C ARG A 246 -4.07 -4.09 -5.52
N LEU A 247 -5.02 -5.02 -5.41
CA LEU A 247 -6.38 -4.83 -5.89
C LEU A 247 -7.36 -5.11 -4.78
N SER A 248 -8.51 -4.43 -4.83
CA SER A 248 -9.69 -4.63 -4.00
C SER A 248 -10.80 -5.08 -4.95
N PRO A 249 -10.99 -6.37 -5.24
CA PRO A 249 -11.96 -6.77 -6.27
C PRO A 249 -13.42 -6.54 -5.93
N ASP A 250 -13.79 -6.28 -4.67
CA ASP A 250 -15.21 -6.13 -4.38
C ASP A 250 -15.37 -5.28 -3.10
N THR A 251 -15.28 -3.96 -3.26
CA THR A 251 -15.45 -3.06 -2.14
C THR A 251 -16.32 -1.86 -2.52
N GLU A 252 -17.07 -1.38 -1.54
CA GLU A 252 -17.85 -0.16 -1.68
C GLU A 252 -17.11 1.07 -1.16
N PHE A 253 -15.90 0.87 -0.62
CA PHE A 253 -15.12 1.96 -0.06
C PHE A 253 -14.98 3.10 -1.05
N MET A 254 -15.18 4.33 -0.56
N MET A 254 -15.17 4.33 -0.55
CA MET A 254 -14.99 5.56 -1.34
CA MET A 254 -15.01 5.56 -1.33
C MET A 254 -15.85 5.57 -2.61
C MET A 254 -15.85 5.55 -2.62
N SER A 255 -17.11 5.15 -2.48
CA SER A 255 -18.12 5.24 -3.54
C SER A 255 -17.75 4.51 -4.83
N MET A 256 -17.14 3.33 -4.70
CA MET A 256 -16.78 2.54 -5.87
C MET A 256 -17.92 1.61 -6.26
N SER A 257 -18.03 1.36 -7.57
CA SER A 257 -19.01 0.44 -8.09
C SER A 257 -18.63 0.03 -9.51
N ASP A 258 -19.00 -1.19 -9.89
CA ASP A 258 -18.79 -1.70 -11.24
C ASP A 258 -19.88 -2.71 -11.57
N SER A 259 -20.32 -2.70 -12.83
CA SER A 259 -21.47 -3.49 -13.23
C SER A 259 -21.17 -4.98 -13.38
N ASP A 260 -19.89 -5.37 -13.42
CA ASP A 260 -19.54 -6.78 -13.54
C ASP A 260 -18.14 -7.02 -12.99
N ARG A 261 -18.03 -6.99 -11.66
CA ARG A 261 -16.72 -7.20 -11.04
C ARG A 261 -16.12 -8.57 -11.33
N PRO A 262 -16.87 -9.68 -11.37
CA PRO A 262 -16.24 -10.94 -11.76
C PRO A 262 -15.55 -10.89 -13.12
N ALA A 263 -16.19 -10.30 -14.13
CA ALA A 263 -15.56 -10.24 -15.45
C ALA A 263 -14.37 -9.29 -15.44
N LEU A 264 -14.51 -8.14 -14.78
CA LEU A 264 -13.43 -7.17 -14.74
C LEU A 264 -12.19 -7.74 -14.08
N TYR A 265 -12.35 -8.32 -12.88
CA TYR A 265 -11.20 -8.79 -12.12
C TYR A 265 -10.67 -10.13 -12.63
N SER A 266 -11.54 -10.99 -13.19
CA SER A 266 -11.04 -12.18 -13.87
C SER A 266 -10.11 -11.81 -15.01
N TYR A 267 -10.55 -10.90 -15.88
CA TYR A 267 -9.67 -10.42 -16.95
C TYR A 267 -8.38 -9.84 -16.39
N LEU A 268 -8.50 -8.91 -15.42
CA LEU A 268 -7.33 -8.21 -14.93
C LEU A 268 -6.32 -9.19 -14.32
N VAL A 269 -6.79 -10.09 -13.47
CA VAL A 269 -5.90 -11.03 -12.80
C VAL A 269 -5.25 -11.98 -13.81
N GLN A 270 -6.02 -12.41 -14.82
CA GLN A 270 -5.44 -13.28 -15.85
C GLN A 270 -4.35 -12.57 -16.64
N GLU A 271 -4.56 -11.29 -16.96
CA GLU A 271 -3.52 -10.55 -17.68
C GLU A 271 -2.32 -10.27 -16.80
N LEU A 272 -2.54 -9.98 -15.50
CA LEU A 272 -1.41 -9.76 -14.61
C LEU A 272 -0.58 -11.01 -14.43
N SER A 273 -1.22 -12.19 -14.52
CA SER A 273 -0.54 -13.48 -14.44
C SER A 273 0.58 -13.59 -15.46
N ARG A 274 0.36 -13.02 -16.64
CA ARG A 274 1.35 -13.10 -17.72
C ARG A 274 2.52 -12.16 -17.53
N ARG A 275 2.46 -11.24 -16.58
CA ARG A 275 3.43 -10.15 -16.45
C ARG A 275 4.64 -10.49 -15.58
N GLU A 276 4.70 -11.67 -14.99
CA GLU A 276 5.88 -12.06 -14.22
C GLU A 276 6.17 -11.06 -13.10
N LEU A 277 5.13 -10.65 -12.37
CA LEU A 277 5.28 -9.67 -11.32
C LEU A 277 5.80 -10.31 -10.04
N ALA A 278 6.21 -9.47 -9.09
CA ALA A 278 6.62 -9.98 -7.79
C ALA A 278 5.49 -10.76 -7.10
N TYR A 279 4.27 -10.24 -7.17
CA TYR A 279 3.13 -10.82 -6.51
C TYR A 279 1.88 -10.04 -6.92
N LEU A 280 0.74 -10.65 -6.65
CA LEU A 280 -0.55 -9.98 -6.65
C LEU A 280 -1.04 -9.97 -5.22
N HIS A 281 -1.49 -8.82 -4.74
CA HIS A 281 -1.93 -8.62 -3.37
C HIS A 281 -3.42 -8.29 -3.42
N LEU A 282 -4.25 -9.16 -2.84
CA LEU A 282 -5.70 -9.01 -2.91
C LEU A 282 -6.29 -8.74 -1.54
N ILE A 283 -7.21 -7.78 -1.47
CA ILE A 283 -7.91 -7.48 -0.23
C ILE A 283 -9.23 -8.25 -0.24
N GLU A 284 -9.49 -8.97 0.85
CA GLU A 284 -10.74 -9.72 0.98
C GLU A 284 -11.92 -8.76 1.00
N PRO A 285 -13.06 -9.16 0.44
CA PRO A 285 -14.23 -8.27 0.44
C PRO A 285 -14.76 -7.89 1.82
N ARG A 286 -14.44 -8.62 2.89
CA ARG A 286 -14.96 -8.28 4.21
C ARG A 286 -14.30 -7.05 4.82
N ILE A 287 -13.44 -6.35 4.09
CA ILE A 287 -12.84 -5.10 4.56
C ILE A 287 -13.32 -3.98 3.65
N LYS A 288 -13.78 -2.90 4.27
CA LYS A 288 -14.18 -1.68 3.54
C LYS A 288 -13.10 -0.62 3.75
N GLY A 289 -12.00 -0.75 3.04
CA GLY A 289 -10.88 0.19 3.22
C GLY A 289 -10.12 -0.03 4.53
N ASN A 290 -10.63 0.49 5.63
CA ASN A 290 -9.92 0.44 6.93
C ASN A 290 -10.77 -0.13 8.07
N VAL A 291 -11.93 -0.69 7.77
CA VAL A 291 -12.85 -1.21 8.78
C VAL A 291 -13.44 -2.52 8.29
N ASP A 292 -13.90 -3.33 9.24
CA ASP A 292 -14.62 -4.56 8.92
C ASP A 292 -16.03 -4.24 8.44
N VAL A 293 -16.52 -5.03 7.49
CA VAL A 293 -17.84 -4.86 6.91
C VAL A 293 -18.51 -6.22 6.80
N GLU A 294 -19.82 -6.27 6.99
CA GLU A 294 -20.60 -7.44 6.62
C GLU A 294 -20.88 -7.35 5.12
N LYS A 295 -20.42 -8.34 4.38
CA LYS A 295 -20.45 -8.25 2.93
C LYS A 295 -20.47 -9.66 2.38
N GLU A 296 -21.39 -9.91 1.46
CA GLU A 296 -21.38 -11.20 0.80
C GLU A 296 -20.76 -11.05 -0.59
N SER A 297 -19.81 -11.93 -0.88
CA SER A 297 -19.06 -11.83 -2.12
C SER A 297 -18.39 -13.17 -2.39
N SER A 298 -18.30 -13.53 -3.66
CA SER A 298 -17.51 -14.66 -4.07
C SER A 298 -16.10 -14.26 -4.49
N LEU A 299 -15.80 -12.96 -4.54
CA LEU A 299 -14.53 -12.48 -5.09
C LEU A 299 -13.44 -12.36 -4.02
N ASN A 300 -13.27 -13.42 -3.24
CA ASN A 300 -12.18 -13.53 -2.30
C ASN A 300 -10.99 -14.24 -2.95
N VAL A 301 -9.95 -14.50 -2.16
CA VAL A 301 -8.72 -15.04 -2.72
C VAL A 301 -8.92 -16.42 -3.34
N GLU A 302 -9.87 -17.20 -2.81
CA GLU A 302 -10.12 -18.52 -3.38
C GLU A 302 -10.58 -18.43 -4.83
N PHE A 303 -11.35 -17.39 -5.16
CA PHE A 303 -11.82 -17.20 -6.53
C PHE A 303 -10.66 -16.94 -7.47
N PHE A 304 -9.64 -16.22 -7.00
CA PHE A 304 -8.57 -15.75 -7.86
C PHE A 304 -7.33 -16.65 -7.87
N ARG A 305 -7.14 -17.49 -6.85
CA ARG A 305 -5.98 -18.39 -6.86
C ARG A 305 -5.84 -19.19 -8.14
N PRO A 306 -6.88 -19.80 -8.72
CA PRO A 306 -6.68 -20.56 -9.97
C PRO A 306 -6.37 -19.68 -11.17
N LEU A 307 -6.62 -18.38 -11.09
CA LEU A 307 -6.48 -17.47 -12.22
C LEU A 307 -5.12 -16.78 -12.26
N TYR A 308 -4.32 -16.90 -11.20
CA TYR A 308 -3.02 -16.24 -11.09
C TYR A 308 -1.98 -17.30 -10.78
N LYS A 309 -0.89 -17.33 -11.55
CA LYS A 309 0.05 -18.44 -11.37
C LYS A 309 1.25 -18.13 -10.48
N GLY A 310 1.43 -16.89 -10.03
CA GLY A 310 2.58 -16.47 -9.24
C GLY A 310 2.28 -16.36 -7.76
N VAL A 311 3.02 -15.47 -7.08
CA VAL A 311 2.91 -15.31 -5.64
C VAL A 311 1.67 -14.49 -5.32
N LEU A 312 0.87 -14.98 -4.38
CA LEU A 312 -0.43 -14.37 -4.06
C LEU A 312 -0.46 -14.00 -2.59
N ILE A 313 -0.65 -12.71 -2.30
CA ILE A 313 -0.77 -12.21 -0.93
C ILE A 313 -2.24 -11.96 -0.67
N THR A 314 -2.76 -12.52 0.43
CA THR A 314 -4.13 -12.26 0.86
C THR A 314 -4.11 -11.37 2.10
N ALA A 315 -5.02 -10.40 2.13
CA ALA A 315 -5.09 -9.46 3.21
C ALA A 315 -6.54 -9.17 3.56
N GLY A 316 -6.78 -8.90 4.84
CA GLY A 316 -8.04 -8.35 5.29
C GLY A 316 -8.83 -9.21 6.28
N GLY A 317 -8.86 -8.78 7.53
CA GLY A 317 -9.64 -9.46 8.56
C GLY A 317 -9.06 -10.73 9.11
N TYR A 318 -7.80 -11.05 8.79
CA TYR A 318 -7.23 -12.31 9.22
C TYR A 318 -6.81 -12.27 10.68
N GLN A 319 -6.87 -13.45 11.30
CA GLN A 319 -6.32 -13.76 12.61
C GLN A 319 -5.23 -14.81 12.41
N LYS A 320 -4.61 -15.24 13.52
CA LYS A 320 -3.63 -16.31 13.40
C LYS A 320 -4.24 -17.54 12.73
N GLU A 321 -5.37 -18.01 13.25
CA GLU A 321 -5.94 -19.27 12.79
C GLU A 321 -6.38 -19.20 11.33
N THR A 322 -7.06 -18.11 10.95
CA THR A 322 -7.56 -18.01 9.58
C THR A 322 -6.44 -17.72 8.59
N GLY A 323 -5.42 -16.97 8.99
CA GLY A 323 -4.26 -16.82 8.13
C GLY A 323 -3.55 -18.14 7.88
N GLU A 324 -3.31 -18.90 8.94
CA GLU A 324 -2.67 -20.20 8.82
C GLU A 324 -3.45 -21.12 7.89
N GLU A 325 -4.78 -21.10 7.99
CA GLU A 325 -5.60 -21.95 7.14
C GLU A 325 -5.46 -21.59 5.67
N ARG A 326 -5.37 -20.28 5.36
CA ARG A 326 -5.19 -19.88 3.97
C ARG A 326 -3.90 -20.47 3.40
N LEU A 327 -2.84 -20.51 4.21
CA LEU A 327 -1.57 -21.06 3.74
C LEU A 327 -1.61 -22.58 3.68
N GLN A 328 -2.19 -23.21 4.70
CA GLN A 328 -2.24 -24.67 4.74
C GLN A 328 -3.00 -25.23 3.54
N LYS A 329 -4.12 -24.60 3.21
CA LYS A 329 -5.00 -25.00 2.10
C LYS A 329 -4.54 -24.47 0.76
N GLN A 330 -3.45 -23.71 0.73
CA GLN A 330 -2.81 -23.26 -0.51
C GLN A 330 -3.70 -22.32 -1.31
N HIS A 331 -4.53 -21.55 -0.62
CA HIS A 331 -5.28 -20.48 -1.27
C HIS A 331 -4.44 -19.23 -1.48
N ALA A 332 -3.35 -19.10 -0.73
CA ALA A 332 -2.45 -17.97 -0.90
C ALA A 332 -1.06 -18.39 -0.45
N ASP A 333 -0.07 -17.59 -0.82
CA ASP A 333 1.31 -17.86 -0.43
C ASP A 333 1.76 -17.05 0.77
N LEU A 334 1.20 -15.86 0.96
CA LEU A 334 1.58 -14.94 2.03
C LEU A 334 0.31 -14.33 2.58
N VAL A 335 0.33 -14.00 3.87
CA VAL A 335 -0.83 -13.39 4.54
C VAL A 335 -0.39 -12.05 5.09
N ALA A 336 -1.09 -10.99 4.69
CA ALA A 336 -0.83 -9.64 5.17
C ALA A 336 -1.75 -9.30 6.35
N TYR A 337 -1.15 -8.68 7.36
CA TYR A 337 -1.84 -8.19 8.55
C TYR A 337 -1.61 -6.69 8.69
N GLY A 338 -2.69 -5.94 8.87
CA GLY A 338 -2.60 -4.50 9.05
C GLY A 338 -2.75 -4.07 10.49
N ARG A 339 -3.99 -4.05 10.98
CA ARG A 339 -4.24 -3.54 12.33
C ARG A 339 -3.48 -4.31 13.40
N TRP A 340 -3.36 -5.64 13.28
CA TRP A 340 -2.60 -6.35 14.29
C TRP A 340 -1.13 -5.98 14.27
N VAL A 341 -0.59 -5.62 13.11
CA VAL A 341 0.83 -5.23 13.07
C VAL A 341 1.02 -3.82 13.59
N ILE A 342 0.01 -2.95 13.43
CA ILE A 342 0.06 -1.65 14.10
C ILE A 342 0.35 -1.85 15.58
N ALA A 343 -0.37 -2.78 16.21
CA ALA A 343 -0.27 -2.95 17.65
C ALA A 343 0.78 -3.96 18.11
N ASN A 344 1.29 -4.79 17.21
CA ASN A 344 2.16 -5.91 17.60
C ASN A 344 3.31 -5.92 16.63
N PRO A 345 4.38 -5.20 16.93
CA PRO A 345 5.50 -5.13 15.97
C PRO A 345 6.13 -6.48 15.76
N ASP A 346 6.10 -7.32 16.80
CA ASP A 346 6.60 -8.69 16.78
C ASP A 346 5.47 -9.71 16.63
N LEU A 347 4.46 -9.39 15.81
CA LEU A 347 3.36 -10.33 15.58
C LEU A 347 3.82 -11.76 15.28
N PRO A 348 4.80 -12.01 14.41
CA PRO A 348 5.21 -13.41 14.18
C PRO A 348 5.64 -14.14 15.43
N SER A 349 6.41 -13.44 16.29
CA SER A 349 6.90 -14.07 17.54
C SER A 349 5.71 -14.33 18.48
N ARG A 350 4.71 -13.45 18.51
CA ARG A 350 3.53 -13.67 19.35
C ARG A 350 2.72 -14.86 18.85
N PHE A 351 2.56 -14.99 17.53
CA PHE A 351 1.90 -16.18 17.01
C PHE A 351 2.68 -17.44 17.37
N GLU A 352 4.00 -17.39 17.22
CA GLU A 352 4.83 -18.57 17.48
C GLU A 352 4.72 -19.01 18.93
N GLN A 353 4.63 -18.07 19.85
CA GLN A 353 4.59 -18.34 21.30
C GLN A 353 3.19 -18.47 21.86
N ASN A 354 2.15 -18.37 21.03
CA ASN A 354 0.77 -18.31 21.50
C ASN A 354 0.60 -17.24 22.58
N ALA A 355 1.22 -16.07 22.33
CA ALA A 355 1.13 -14.97 23.28
C ALA A 355 -0.11 -14.13 22.99
N PRO A 356 -0.63 -13.44 23.99
CA PRO A 356 -1.72 -12.47 23.74
C PRO A 356 -1.24 -11.40 22.77
N LEU A 357 -2.20 -10.81 22.06
CA LEU A 357 -1.92 -9.70 21.15
C LEU A 357 -2.28 -8.38 21.82
N ASN A 358 -1.38 -7.40 21.73
CA ASN A 358 -1.75 -6.05 22.13
C ASN A 358 -2.96 -5.58 21.33
N PRO A 359 -3.94 -4.95 21.96
CA PRO A 359 -5.08 -4.43 21.19
C PRO A 359 -4.66 -3.22 20.36
N TYR A 360 -5.25 -3.10 19.19
CA TYR A 360 -4.98 -1.92 18.34
C TYR A 360 -5.93 -0.78 18.76
N ASP A 361 -5.39 0.42 18.76
CA ASP A 361 -6.11 1.62 19.19
C ASP A 361 -6.40 2.49 17.96
N ARG A 362 -7.63 2.36 17.44
N ARG A 362 -7.63 2.36 17.44
CA ARG A 362 -8.07 3.09 16.21
CA ARG A 362 -8.07 3.09 16.21
C ARG A 362 -7.94 4.62 16.36
C ARG A 362 -7.93 4.61 16.36
N ALA A 363 -7.98 5.14 17.59
CA ALA A 363 -7.90 6.58 17.80
C ALA A 363 -6.53 7.15 17.44
N THR A 364 -5.48 6.34 17.44
CA THR A 364 -4.14 6.80 17.11
C THR A 364 -3.62 6.23 15.79
N PHE A 365 -4.51 5.67 14.96
CA PHE A 365 -4.09 5.22 13.64
C PHE A 365 -3.55 6.38 12.80
N TYR A 366 -4.28 7.49 12.77
CA TYR A 366 -4.05 8.56 11.81
C TYR A 366 -3.55 9.81 12.51
N GLY A 367 -2.33 10.21 12.20
CA GLY A 367 -1.77 11.43 12.73
C GLY A 367 -1.25 11.24 14.14
N GLY A 368 -0.58 12.27 14.64
CA GLY A 368 -0.10 12.25 16.00
C GLY A 368 1.35 11.82 16.03
N ASN A 369 1.81 11.34 17.18
CA ASN A 369 3.22 11.18 17.47
C ASN A 369 3.55 9.73 17.79
N GLU A 370 4.48 9.51 18.72
CA GLU A 370 4.88 8.15 19.10
C GLU A 370 3.73 7.35 19.69
N LYS A 371 2.75 8.03 20.29
CA LYS A 371 1.68 7.33 20.99
C LYS A 371 0.80 6.58 20.00
N GLY A 372 0.65 5.28 20.22
CA GLY A 372 -0.07 4.45 19.28
C GLY A 372 0.68 4.22 18.00
N TYR A 373 2.01 4.39 18.00
CA TYR A 373 2.81 4.28 16.79
C TYR A 373 4.07 3.47 17.07
N THR A 374 4.94 3.98 17.92
CA THR A 374 6.16 3.26 18.28
C THR A 374 6.17 2.77 19.73
N ASP A 375 5.08 2.95 20.48
CA ASP A 375 5.05 2.61 21.90
C ASP A 375 4.24 1.37 22.21
N TYR A 376 3.89 0.58 21.21
CA TYR A 376 3.33 -0.73 21.48
C TYR A 376 4.46 -1.69 21.86
N PRO A 377 4.30 -2.49 22.91
CA PRO A 377 5.43 -3.25 23.44
C PRO A 377 5.70 -4.57 22.72
N PHE A 378 6.95 -5.02 22.85
CA PHE A 378 7.44 -6.29 22.34
C PHE A 378 7.42 -7.32 23.47
N LEU A 379 7.35 -8.60 23.08
CA LEU A 379 7.60 -9.67 24.05
C LEU A 379 9.01 -9.59 24.62
N ASP A 380 10.00 -9.35 23.75
CA ASP A 380 11.40 -9.34 24.16
C ASP A 380 11.88 -7.91 24.09
N PRO A 381 12.24 -7.29 25.24
CA PRO A 381 12.73 -5.91 25.19
C PRO A 381 13.98 -5.73 24.35
N ARG A 382 14.77 -6.79 24.13
CA ARG A 382 15.95 -6.69 23.28
C ARG A 382 15.58 -6.38 21.83
N ASP A 383 14.40 -6.84 21.41
CA ASP A 383 13.88 -6.54 20.07
C ASP A 383 13.63 -5.04 19.94
N SER A 384 12.98 -4.45 20.93
CA SER A 384 12.76 -3.01 20.97
C SER A 384 14.09 -2.26 20.97
N GLN A 385 15.03 -2.70 21.82
CA GLN A 385 16.31 -2.02 21.92
C GLN A 385 17.06 -2.05 20.60
N GLU A 386 17.05 -3.20 19.90
CA GLU A 386 17.76 -3.30 18.64
C GLU A 386 17.12 -2.43 17.56
N ALA A 387 15.79 -2.35 17.53
CA ALA A 387 15.12 -1.47 16.59
C ALA A 387 15.51 -0.02 16.84
N LEU A 388 15.57 0.38 18.12
CA LEU A 388 15.96 1.76 18.43
C LEU A 388 17.41 2.02 18.04
N LYS A 389 18.29 1.05 18.34
CA LYS A 389 19.70 1.20 17.97
C LYS A 389 19.87 1.40 16.48
N GLU A 390 19.13 0.64 15.66
CA GLU A 390 19.29 0.77 14.22
C GLU A 390 18.63 2.01 13.65
N ALA A 391 17.49 2.43 14.23
CA ALA A 391 16.91 3.70 13.78
C ALA A 391 17.84 4.85 14.09
N GLU A 392 18.47 4.84 15.26
CA GLU A 392 19.35 5.93 15.64
C GLU A 392 20.61 5.93 14.78
N ALA A 393 21.16 4.74 14.50
CA ALA A 393 22.33 4.66 13.63
C ALA A 393 22.00 5.12 12.21
N ALA A 394 20.81 4.76 11.72
CA ALA A 394 20.41 5.16 10.38
C ALA A 394 20.21 6.67 10.28
N GLU A 395 19.64 7.27 11.32
CA GLU A 395 19.51 8.72 11.33
C GLU A 395 20.86 9.40 11.34
N ARG A 396 21.80 8.89 12.14
CA ARG A 396 23.13 9.50 12.18
C ARG A 396 23.82 9.37 10.84
N LYS A 397 23.67 8.21 10.19
CA LYS A 397 24.34 7.97 8.92
C LYS A 397 23.75 8.84 7.81
N TRP A 398 22.43 8.95 7.75
CA TRP A 398 21.72 9.59 6.60
C TRP A 398 21.20 11.00 6.86
N ARG A 399 21.47 11.55 8.03
CA ARG A 399 21.06 12.92 8.43
C ARG A 399 21.44 13.93 7.34
N ARG A 400 20.53 14.86 7.01
CA ARG A 400 20.87 15.94 6.03
C ARG A 400 21.78 16.94 6.76
N LEU A 401 22.88 17.36 6.14
CA LEU A 401 23.81 18.27 6.85
C LEU A 401 23.51 19.72 6.41
#